data_5A6S
#
_entry.id   5A6S
#
_cell.length_a   136.197
_cell.length_b   136.197
_cell.length_c   56.457
_cell.angle_alpha   90.00
_cell.angle_beta   90.00
_cell.angle_gamma   90.00
#
_symmetry.space_group_name_H-M   'P 41 21 2'
#
loop_
_entity.id
_entity.type
_entity.pdbx_description
1 polymer ENDOLYSIN
2 polymer ENDOLYSIN
3 non-polymer 'SULFATE ION'
4 non-polymer GLYCEROL
5 non-polymer 'PENTAETHYLENE GLYCOL'
6 water water
#
loop_
_entity_poly.entity_id
_entity_poly.type
_entity_poly.pdbx_seq_one_letter_code
_entity_poly.pdbx_strand_id
1 'polypeptide(L)'
;MGSSHHHHHHSSGLVPRGSHMKKIADISNLNGNVDVKLLFNLGYIGIIAKASEGGTFVDKYYKQNYTNTKAQGKITGAYH
FANFSTIAKAQQEANFFLNCIAGTTPDFVVLDLEQQCTGDITDACLAFLNIVAKKFKCVVYCNSSFIKEHLNSKICAYPL
WIANYGVATPAFTLWTKYAMWQFTEKGQVSGISGYIDFSYITDEFIKYIKGEDEVENLVVYNDGADQRAAEYLADRLACP
TINNARKFDYSNVKNVYAVGGNKEQYTSYLTTLIAGSTRYTTMQAVLDYIKNLK
;
A
2 'polypeptide(L)' MENLVVYNDGADQRAAEYLADRLACPTINNARKFDYSNVKNVYAVGGNKEQYTSYLTTLIAGSTRYTTMQAVLDYIKNLK B
#
loop_
_chem_comp.id
_chem_comp.type
_chem_comp.name
_chem_comp.formula
1PE non-polymer 'PENTAETHYLENE GLYCOL' 'C10 H22 O6'
GOL non-polymer GLYCEROL 'C3 H8 O3'
SO4 non-polymer 'SULFATE ION' 'O4 S -2'
#
# COMPACT_ATOMS: atom_id res chain seq x y z
N MET A 21 7.59 -7.13 14.68
CA MET A 21 7.78 -6.77 13.26
C MET A 21 8.96 -7.60 12.68
N LYS A 22 8.78 -8.08 11.47
CA LYS A 22 9.89 -8.85 10.80
C LYS A 22 11.02 -7.96 10.37
N LYS A 23 12.15 -8.59 10.08
CA LYS A 23 13.32 -7.85 9.63
C LYS A 23 13.89 -8.34 8.31
N ILE A 24 14.61 -7.41 7.65
CA ILE A 24 15.26 -7.64 6.37
C ILE A 24 16.67 -6.99 6.36
N ALA A 25 17.63 -7.60 5.67
CA ALA A 25 18.98 -7.02 5.63
C ALA A 25 19.28 -6.47 4.30
N ASP A 26 20.18 -5.49 4.26
CA ASP A 26 20.68 -5.00 3.01
C ASP A 26 22.18 -5.00 2.99
N ILE A 27 22.71 -5.27 1.79
CA ILE A 27 24.16 -5.51 1.54
C ILE A 27 24.58 -4.96 0.19
N SER A 28 25.87 -4.86 0.00
CA SER A 28 26.44 -4.31 -1.24
C SER A 28 27.79 -4.93 -1.48
N ASN A 29 28.48 -4.48 -2.54
CA ASN A 29 29.83 -4.91 -2.78
C ASN A 29 30.78 -4.71 -1.61
N LEU A 30 30.50 -3.75 -0.73
CA LEU A 30 31.36 -3.57 0.45
C LEU A 30 31.39 -4.81 1.37
N ASN A 31 30.36 -5.65 1.32
CA ASN A 31 30.32 -6.84 2.08
C ASN A 31 30.96 -8.06 1.44
N GLY A 32 31.49 -7.94 0.21
CA GLY A 32 32.18 -9.05 -0.43
C GLY A 32 31.25 -10.26 -0.67
N ASN A 33 31.83 -11.44 -0.55
CA ASN A 33 31.15 -12.66 -0.82
C ASN A 33 30.38 -13.02 0.46
N VAL A 34 29.07 -13.05 0.38
CA VAL A 34 28.23 -13.24 1.52
C VAL A 34 27.53 -14.61 1.45
N ASP A 35 27.68 -15.37 2.52
CA ASP A 35 26.86 -16.54 2.76
C ASP A 35 25.51 -16.06 3.29
N VAL A 36 24.51 -15.89 2.41
CA VAL A 36 23.24 -15.30 2.87
C VAL A 36 22.55 -16.17 3.89
N LYS A 37 22.88 -17.47 3.93
CA LYS A 37 22.31 -18.33 4.95
C LYS A 37 22.66 -17.93 6.38
N LEU A 38 23.76 -17.19 6.54
CA LEU A 38 24.09 -16.68 7.89
C LEU A 38 23.00 -15.70 8.33
N LEU A 39 22.57 -14.87 7.42
CA LEU A 39 21.51 -13.94 7.72
C LEU A 39 20.11 -14.58 7.88
N PHE A 40 19.83 -15.57 7.05
CA PHE A 40 18.58 -16.30 7.20
C PHE A 40 18.52 -17.05 8.51
N ASN A 41 19.68 -17.54 8.97
CA ASN A 41 19.75 -18.14 10.33
C ASN A 41 19.43 -17.18 11.43
N LEU A 42 19.75 -15.91 11.23
CA LEU A 42 19.45 -14.90 12.21
C LEU A 42 18.01 -14.41 12.13
N GLY A 43 17.24 -14.90 11.16
CA GLY A 43 15.84 -14.52 11.10
C GLY A 43 15.44 -13.51 10.04
N TYR A 44 16.39 -12.97 9.31
CA TYR A 44 16.09 -12.00 8.30
C TYR A 44 15.27 -12.70 7.19
N ILE A 45 14.20 -12.05 6.75
CA ILE A 45 13.32 -12.70 5.75
C ILE A 45 13.73 -12.52 4.31
N GLY A 46 14.79 -11.77 4.08
CA GLY A 46 15.28 -11.52 2.74
C GLY A 46 16.47 -10.65 2.72
N ILE A 47 16.85 -10.28 1.51
CA ILE A 47 18.04 -9.49 1.27
C ILE A 47 17.77 -8.51 0.23
N ILE A 48 18.03 -7.23 0.55
CA ILE A 48 18.05 -6.14 -0.43
C ILE A 48 19.49 -5.90 -0.83
N ALA A 49 19.83 -6.05 -2.10
CA ALA A 49 21.21 -5.92 -2.52
C ALA A 49 21.40 -4.72 -3.43
N LYS A 50 22.52 -4.06 -3.25
CA LYS A 50 22.90 -2.97 -4.14
C LYS A 50 23.21 -3.50 -5.56
N ALA A 51 22.57 -2.93 -6.55
CA ALA A 51 22.82 -3.23 -7.98
C ALA A 51 23.73 -2.26 -8.73
N SER A 52 23.70 -1.00 -8.35
CA SER A 52 24.29 0.04 -9.21
C SER A 52 24.40 1.36 -8.42
N GLU A 53 25.27 2.25 -8.91
CA GLU A 53 25.41 3.59 -8.40
C GLU A 53 25.62 4.57 -9.55
N GLY A 54 24.81 5.61 -9.57
CA GLY A 54 25.11 6.69 -10.53
C GLY A 54 24.81 6.17 -11.94
N GLY A 55 25.61 6.58 -12.92
CA GLY A 55 25.32 6.27 -14.34
C GLY A 55 26.17 5.09 -14.85
N THR A 56 27.23 4.73 -14.16
CA THR A 56 28.15 3.72 -14.65
C THR A 56 28.70 2.67 -13.65
N PHE A 57 28.43 2.82 -12.34
CA PHE A 57 28.94 1.92 -11.36
C PHE A 57 28.06 0.66 -11.22
N VAL A 58 28.69 -0.46 -11.49
CA VAL A 58 28.04 -1.78 -11.48
C VAL A 58 28.49 -2.52 -10.18
N ASP A 59 27.53 -2.93 -9.33
CA ASP A 59 27.84 -3.69 -8.15
C ASP A 59 28.07 -5.16 -8.55
N LYS A 60 29.30 -5.65 -8.42
CA LYS A 60 29.69 -6.93 -8.99
C LYS A 60 29.25 -8.12 -8.14
N TYR A 61 28.61 -7.86 -6.99
CA TYR A 61 28.05 -8.89 -6.12
C TYR A 61 26.55 -8.99 -6.19
N TYR A 62 25.91 -8.04 -6.85
CA TYR A 62 24.47 -8.03 -6.91
C TYR A 62 23.93 -9.40 -7.41
N LYS A 63 24.47 -9.85 -8.55
CA LYS A 63 23.90 -11.01 -9.24
C LYS A 63 23.88 -12.23 -8.28
N GLN A 64 25.02 -12.49 -7.62
CA GLN A 64 25.09 -13.63 -6.71
C GLN A 64 24.22 -13.40 -5.43
N ASN A 65 24.16 -12.16 -4.92
CA ASN A 65 23.28 -11.86 -3.79
C ASN A 65 21.79 -12.10 -4.06
N TYR A 66 21.31 -11.59 -5.18
CA TYR A 66 19.95 -11.88 -5.67
C TYR A 66 19.76 -13.40 -5.86
N THR A 67 20.73 -14.04 -6.51
CA THR A 67 20.62 -15.43 -6.93
C THR A 67 20.51 -16.34 -5.73
N ASN A 68 21.36 -16.13 -4.74
CA ASN A 68 21.35 -16.99 -3.60
C ASN A 68 20.16 -16.76 -2.70
N THR A 69 19.60 -15.56 -2.71
CA THR A 69 18.44 -15.25 -1.93
C THR A 69 17.21 -15.83 -2.56
N LYS A 70 17.03 -15.57 -3.86
CA LYS A 70 15.86 -16.10 -4.59
C LYS A 70 15.87 -17.67 -4.59
N ALA A 71 17.04 -18.26 -4.77
CA ALA A 71 17.19 -19.71 -4.82
C ALA A 71 16.72 -20.35 -3.52
N GLN A 72 16.94 -19.68 -2.43
CA GLN A 72 16.59 -20.15 -1.09
C GLN A 72 15.16 -19.77 -0.71
N GLY A 73 14.39 -19.18 -1.63
CA GLY A 73 13.00 -18.88 -1.31
C GLY A 73 12.74 -17.65 -0.45
N LYS A 74 13.70 -16.75 -0.38
CA LYS A 74 13.58 -15.55 0.46
C LYS A 74 13.26 -14.32 -0.33
N ILE A 75 12.80 -13.28 0.36
CA ILE A 75 12.50 -12.03 -0.28
C ILE A 75 13.73 -11.33 -0.87
N THR A 76 13.62 -10.86 -2.12
CA THR A 76 14.67 -10.09 -2.80
C THR A 76 14.29 -8.67 -3.08
N GLY A 77 15.27 -7.76 -2.94
CA GLY A 77 15.19 -6.37 -3.37
C GLY A 77 16.49 -6.00 -4.04
N ALA A 78 16.46 -4.97 -4.89
CA ALA A 78 17.62 -4.42 -5.58
C ALA A 78 17.61 -2.94 -5.37
N TYR A 79 18.74 -2.34 -4.99
CA TYR A 79 18.74 -0.90 -4.86
C TYR A 79 19.69 -0.19 -5.76
N HIS A 80 19.24 1.00 -6.20
CA HIS A 80 20.11 1.91 -6.95
C HIS A 80 20.52 3.17 -6.15
N PHE A 81 21.82 3.42 -6.05
CA PHE A 81 22.34 4.56 -5.30
C PHE A 81 22.38 5.78 -6.25
N ALA A 82 21.42 6.67 -6.12
CA ALA A 82 21.24 7.77 -7.10
C ALA A 82 22.40 8.78 -7.07
N ASN A 83 22.69 9.36 -8.22
CA ASN A 83 23.59 10.49 -8.28
C ASN A 83 23.07 11.54 -9.22
N PHE A 84 21.76 11.75 -9.25
CA PHE A 84 21.16 12.69 -10.19
C PHE A 84 20.54 13.93 -9.54
N SER A 85 20.55 15.05 -10.28
CA SER A 85 19.75 16.24 -9.94
C SER A 85 18.76 16.67 -10.96
N THR A 86 18.90 16.15 -12.18
CA THR A 86 18.12 16.59 -13.32
C THR A 86 17.30 15.44 -13.86
N ILE A 87 16.25 15.76 -14.58
CA ILE A 87 15.39 14.74 -15.17
C ILE A 87 16.15 13.85 -16.11
N ALA A 88 17.03 14.46 -16.89
CA ALA A 88 17.71 13.74 -17.95
C ALA A 88 18.59 12.69 -17.36
N LYS A 89 19.38 13.13 -16.39
CA LYS A 89 20.25 12.29 -15.68
C LYS A 89 19.52 11.14 -14.92
N ALA A 90 18.42 11.46 -14.28
CA ALA A 90 17.58 10.47 -13.63
C ALA A 90 17.15 9.36 -14.58
N GLN A 91 16.81 9.76 -15.81
CA GLN A 91 16.43 8.78 -16.86
C GLN A 91 17.59 7.92 -17.32
N GLN A 92 18.77 8.49 -17.45
CA GLN A 92 19.91 7.72 -17.78
C GLN A 92 20.18 6.69 -16.64
N GLU A 93 20.12 7.14 -15.39
CA GLU A 93 20.36 6.23 -14.24
C GLU A 93 19.32 5.15 -14.13
N ALA A 94 18.07 5.47 -14.46
CA ALA A 94 17.01 4.51 -14.42
C ALA A 94 17.23 3.38 -15.44
N ASN A 95 17.53 3.75 -16.68
CA ASN A 95 17.87 2.75 -17.68
C ASN A 95 19.10 1.90 -17.31
N PHE A 96 20.08 2.52 -16.65
CA PHE A 96 21.26 1.83 -16.27
C PHE A 96 20.96 0.82 -15.15
N PHE A 97 20.19 1.22 -14.15
CA PHE A 97 19.75 0.33 -13.08
C PHE A 97 19.00 -0.89 -13.67
N LEU A 98 18.07 -0.65 -14.61
CA LEU A 98 17.37 -1.77 -15.25
C LEU A 98 18.32 -2.71 -15.99
N ASN A 99 19.31 -2.15 -16.66
CA ASN A 99 20.33 -2.94 -17.37
C ASN A 99 21.09 -3.80 -16.32
N CYS A 100 21.43 -3.20 -15.17
CA CYS A 100 22.14 -3.96 -14.13
C CYS A 100 21.38 -5.11 -13.51
N ILE A 101 20.08 -4.99 -13.42
CA ILE A 101 19.30 -6.06 -12.80
C ILE A 101 18.66 -7.00 -13.82
N ALA A 102 18.88 -6.73 -15.12
CA ALA A 102 18.32 -7.62 -16.20
C ALA A 102 18.80 -9.03 -15.92
N GLY A 103 17.91 -10.01 -16.07
CA GLY A 103 18.27 -11.44 -15.78
C GLY A 103 17.96 -11.78 -14.31
N THR A 104 17.39 -10.81 -13.56
CA THR A 104 16.97 -11.05 -12.21
C THR A 104 15.61 -10.49 -12.10
N THR A 105 14.78 -11.11 -11.25
CA THR A 105 13.45 -10.64 -10.93
C THR A 105 13.24 -10.43 -9.43
N PRO A 106 13.85 -9.37 -8.90
CA PRO A 106 13.55 -8.98 -7.50
C PRO A 106 12.12 -8.68 -7.20
N ASP A 107 11.71 -9.02 -6.00
CA ASP A 107 10.37 -8.72 -5.49
C ASP A 107 9.99 -7.23 -5.57
N PHE A 108 10.99 -6.36 -5.39
CA PHE A 108 10.81 -4.93 -5.45
C PHE A 108 12.19 -4.34 -5.63
N VAL A 109 12.19 -3.06 -6.02
CA VAL A 109 13.35 -2.28 -6.21
C VAL A 109 13.29 -0.92 -5.47
N VAL A 110 14.45 -0.31 -5.32
CA VAL A 110 14.63 0.84 -4.41
C VAL A 110 15.45 1.91 -5.03
N LEU A 111 14.87 3.12 -5.06
CA LEU A 111 15.63 4.31 -5.38
C LEU A 111 16.22 4.88 -4.04
N ASP A 112 17.52 4.75 -3.89
CA ASP A 112 18.24 5.20 -2.72
C ASP A 112 18.75 6.63 -2.95
N LEU A 113 18.16 7.53 -2.19
CA LEU A 113 18.42 8.99 -2.34
C LEU A 113 19.26 9.55 -1.17
N GLU A 114 20.52 9.88 -1.45
CA GLU A 114 21.44 10.49 -0.52
C GLU A 114 22.41 11.38 -1.22
N GLN A 115 22.18 11.69 -2.49
CA GLN A 115 23.18 12.42 -3.26
C GLN A 115 23.18 13.88 -2.81
N GLN A 116 24.30 14.52 -3.09
CA GLN A 116 24.48 15.95 -2.94
C GLN A 116 23.70 16.56 -4.03
N CYS A 117 22.80 17.47 -3.71
CA CYS A 117 22.05 18.13 -4.70
C CYS A 117 21.50 19.40 -4.10
N THR A 118 20.92 20.27 -4.94
CA THR A 118 20.29 21.50 -4.43
C THR A 118 18.83 21.47 -4.69
N GLY A 119 18.05 21.86 -3.71
CA GLY A 119 16.70 22.18 -3.99
C GLY A 119 15.85 20.94 -4.10
N ASP A 120 14.74 21.10 -4.81
CA ASP A 120 13.70 20.14 -4.76
C ASP A 120 13.94 19.21 -5.96
N ILE A 121 14.31 17.95 -5.74
CA ILE A 121 14.59 17.06 -6.88
C ILE A 121 13.43 16.12 -7.17
N THR A 122 12.23 16.43 -6.67
CA THR A 122 11.14 15.50 -6.73
C THR A 122 10.84 15.09 -8.18
N ASP A 123 10.87 16.03 -9.12
CA ASP A 123 10.50 15.69 -10.52
C ASP A 123 11.53 14.76 -11.19
N ALA A 124 12.79 14.97 -10.89
CA ALA A 124 13.79 14.07 -11.35
C ALA A 124 13.56 12.65 -10.76
N CYS A 125 13.20 12.59 -9.49
CA CYS A 125 12.95 11.30 -8.85
C CYS A 125 11.79 10.56 -9.58
N LEU A 126 10.78 11.34 -9.97
CA LEU A 126 9.59 10.76 -10.60
C LEU A 126 9.88 10.28 -11.98
N ALA A 127 10.83 10.93 -12.62
CA ALA A 127 11.26 10.55 -13.96
C ALA A 127 11.95 9.16 -13.87
N PHE A 128 12.80 8.99 -12.86
CA PHE A 128 13.46 7.68 -12.61
C PHE A 128 12.44 6.63 -12.40
N LEU A 129 11.54 6.91 -11.48
CA LEU A 129 10.52 5.98 -11.07
C LEU A 129 9.52 5.63 -12.16
N ASN A 130 9.16 6.62 -12.96
CA ASN A 130 8.26 6.38 -14.08
C ASN A 130 8.73 5.25 -15.01
N ILE A 131 10.04 5.24 -15.25
CA ILE A 131 10.74 4.24 -16.05
C ILE A 131 10.75 2.89 -15.29
N VAL A 132 11.14 2.90 -14.02
CA VAL A 132 11.39 1.64 -13.36
C VAL A 132 10.12 0.98 -12.94
N ALA A 133 9.12 1.78 -12.58
CA ALA A 133 7.86 1.29 -12.08
C ALA A 133 7.02 0.51 -13.12
N LYS A 134 7.35 0.66 -14.39
CA LYS A 134 6.67 -0.11 -15.46
C LYS A 134 7.14 -1.53 -15.41
N LYS A 135 8.27 -1.79 -14.76
CA LYS A 135 8.80 -3.15 -14.64
C LYS A 135 8.80 -3.77 -13.23
N PHE A 136 8.94 -2.94 -12.21
CA PHE A 136 9.03 -3.37 -10.79
C PHE A 136 8.29 -2.41 -9.82
N LYS A 137 7.77 -2.98 -8.75
CA LYS A 137 7.26 -2.26 -7.62
C LYS A 137 8.46 -1.50 -7.01
N CYS A 138 8.35 -0.19 -6.91
CA CYS A 138 9.44 0.68 -6.48
C CYS A 138 9.15 1.22 -5.06
N VAL A 139 10.25 1.48 -4.39
CA VAL A 139 10.23 2.04 -3.04
C VAL A 139 11.26 3.16 -3.04
N VAL A 140 11.02 4.22 -2.26
CA VAL A 140 11.96 5.31 -2.12
C VAL A 140 12.62 5.24 -0.75
N TYR A 141 13.96 5.28 -0.74
CA TYR A 141 14.73 5.23 0.50
C TYR A 141 15.43 6.55 0.71
N CYS A 142 15.32 7.13 1.93
CA CYS A 142 16.03 8.36 2.26
C CYS A 142 15.91 8.54 3.80
N ASN A 143 16.61 9.53 4.31
CA ASN A 143 16.47 9.89 5.72
C ASN A 143 15.57 11.16 5.89
N SER A 144 15.24 11.47 7.15
CA SER A 144 14.29 12.54 7.48
C SER A 144 14.67 13.86 6.93
N SER A 145 15.95 14.16 7.03
CA SER A 145 16.45 15.43 6.58
C SER A 145 16.50 15.59 5.06
N PHE A 146 16.73 14.46 4.39
CA PHE A 146 16.70 14.52 2.92
C PHE A 146 15.30 14.90 2.45
N ILE A 147 14.29 14.29 3.04
CA ILE A 147 12.91 14.55 2.74
C ILE A 147 12.60 16.08 2.84
N LYS A 148 12.85 16.61 4.03
CA LYS A 148 12.68 18.09 4.27
C LYS A 148 13.47 18.95 3.33
N GLU A 149 14.71 18.61 3.02
CA GLU A 149 15.52 19.47 2.14
C GLU A 149 15.25 19.34 0.65
N HIS A 150 14.83 18.16 0.19
CA HIS A 150 14.82 17.96 -1.25
C HIS A 150 13.58 17.36 -1.89
N LEU A 151 12.57 17.06 -1.11
CA LEU A 151 11.38 16.41 -1.71
C LEU A 151 10.10 17.16 -1.41
N ASN A 152 9.06 16.90 -2.20
CA ASN A 152 7.73 17.33 -1.89
C ASN A 152 6.74 16.16 -1.95
N SER A 153 5.53 16.36 -1.46
CA SER A 153 4.58 15.26 -1.28
C SER A 153 4.18 14.49 -2.55
N LYS A 154 4.60 14.94 -3.74
CA LYS A 154 4.36 14.16 -4.96
C LYS A 154 5.10 12.82 -4.88
N ILE A 155 6.13 12.79 -4.07
CA ILE A 155 6.96 11.58 -3.95
C ILE A 155 6.19 10.47 -3.29
N CYS A 156 5.20 10.81 -2.46
CA CYS A 156 4.41 9.88 -1.70
C CYS A 156 3.54 8.91 -2.54
N ALA A 157 3.61 9.02 -3.85
CA ALA A 157 2.96 8.01 -4.72
C ALA A 157 3.65 6.64 -4.53
N TYR A 158 4.86 6.65 -3.97
CA TYR A 158 5.65 5.43 -3.73
C TYR A 158 5.90 5.18 -2.24
N PRO A 159 5.99 3.92 -1.83
CA PRO A 159 6.25 3.70 -0.39
C PRO A 159 7.65 4.10 0.04
N LEU A 160 7.78 4.29 1.36
CA LEU A 160 8.89 4.86 1.99
C LEU A 160 9.66 3.79 2.73
N TRP A 161 10.98 3.78 2.49
CA TRP A 161 11.92 3.05 3.29
C TRP A 161 12.77 4.12 4.00
N ILE A 162 12.41 4.35 5.26
CA ILE A 162 13.05 5.41 6.04
C ILE A 162 14.32 4.92 6.75
N ALA A 163 15.42 5.62 6.57
CA ALA A 163 16.62 5.43 7.33
C ALA A 163 16.58 6.43 8.51
N ASN A 164 16.51 5.90 9.71
CA ASN A 164 16.45 6.68 10.96
C ASN A 164 17.19 5.85 12.03
N TYR A 165 18.45 6.14 12.24
CA TYR A 165 19.25 5.36 13.19
C TYR A 165 19.13 6.02 14.62
N GLY A 166 19.22 5.22 15.66
CA GLY A 166 19.26 5.71 17.05
C GLY A 166 17.95 6.08 17.69
N VAL A 167 16.84 5.88 16.98
CA VAL A 167 15.54 6.32 17.46
C VAL A 167 14.72 5.15 17.86
N ALA A 168 13.79 5.34 18.80
CA ALA A 168 12.92 4.25 19.19
C ALA A 168 11.77 4.11 18.18
N THR A 169 11.46 5.18 17.49
CA THR A 169 10.41 5.12 16.50
C THR A 169 10.75 6.15 15.46
N PRO A 170 10.54 5.82 14.19
CA PRO A 170 10.97 6.74 13.17
C PRO A 170 10.11 8.04 13.05
N ALA A 171 10.71 9.14 12.67
CA ALA A 171 10.00 10.38 12.44
C ALA A 171 10.36 10.96 11.10
N PHE A 172 9.34 11.38 10.35
CA PHE A 172 9.59 11.85 8.95
C PHE A 172 8.41 12.72 8.52
N THR A 173 8.56 13.40 7.41
CA THR A 173 7.50 14.23 6.89
C THR A 173 7.04 13.71 5.54
N LEU A 174 5.95 14.30 5.06
CA LEU A 174 5.28 13.98 3.76
C LEU A 174 4.52 12.69 3.80
N TRP A 175 5.21 11.57 3.99
CA TRP A 175 4.56 10.34 4.23
C TRP A 175 4.02 10.28 5.63
N THR A 176 2.99 9.50 5.83
CA THR A 176 2.49 9.25 7.17
C THR A 176 2.85 7.87 7.66
N LYS A 177 3.18 6.95 6.76
CA LYS A 177 3.45 5.56 7.15
C LYS A 177 4.74 5.18 6.46
N TYR A 178 5.54 4.29 7.06
CA TYR A 178 6.69 3.65 6.30
C TYR A 178 6.39 2.19 5.89
N ALA A 179 7.00 1.75 4.79
CA ALA A 179 6.96 0.34 4.39
C ALA A 179 8.14 -0.45 5.08
N MET A 180 9.30 0.19 5.15
CA MET A 180 10.49 -0.36 5.85
C MET A 180 11.20 0.76 6.61
N TRP A 181 11.89 0.39 7.70
CA TRP A 181 12.62 1.36 8.46
C TRP A 181 14.03 0.75 8.76
N GLN A 182 15.06 1.37 8.19
CA GLN A 182 16.40 0.98 8.37
C GLN A 182 16.85 1.58 9.72
N PHE A 183 17.04 0.71 10.69
CA PHE A 183 17.32 1.22 12.06
C PHE A 183 18.76 1.17 12.43
N THR A 184 19.61 0.48 11.66
CA THR A 184 21.06 0.55 11.95
C THR A 184 21.81 0.33 10.68
N GLU A 185 22.96 1.01 10.58
CA GLU A 185 23.94 0.80 9.56
C GLU A 185 25.24 0.17 10.10
N LYS A 186 25.18 -0.43 11.27
CA LYS A 186 26.36 -1.01 11.95
C LYS A 186 26.18 -2.46 12.34
N GLY A 187 25.34 -3.18 11.61
CA GLY A 187 25.22 -4.61 11.84
C GLY A 187 26.53 -5.31 11.53
N GLN A 188 26.81 -6.43 12.20
CA GLN A 188 28.04 -7.20 11.97
C GLN A 188 27.84 -8.67 12.24
N VAL A 189 28.33 -9.49 11.31
CA VAL A 189 28.26 -10.93 11.37
C VAL A 189 29.63 -11.42 10.96
N SER A 190 30.26 -12.18 11.84
CA SER A 190 31.49 -12.83 11.52
C SER A 190 31.39 -13.72 10.28
N GLY A 191 32.32 -13.51 9.34
CA GLY A 191 32.28 -14.12 8.06
C GLY A 191 31.69 -13.30 6.95
N ILE A 192 31.14 -12.12 7.27
CA ILE A 192 30.72 -11.15 6.31
C ILE A 192 31.51 -9.88 6.53
N SER A 193 32.25 -9.45 5.50
CA SER A 193 33.02 -8.18 5.58
C SER A 193 32.15 -6.99 5.74
N GLY A 194 32.69 -5.92 6.35
CA GLY A 194 31.98 -4.64 6.44
C GLY A 194 30.78 -4.67 7.37
N TYR A 195 29.95 -3.62 7.32
CA TYR A 195 28.73 -3.54 8.07
C TYR A 195 27.56 -3.85 7.21
N ILE A 196 26.57 -4.41 7.81
CA ILE A 196 25.30 -4.77 7.18
C ILE A 196 24.25 -3.86 7.76
N ASP A 197 23.29 -3.43 6.94
CA ASP A 197 22.20 -2.63 7.45
C ASP A 197 20.98 -3.50 7.72
N PHE A 198 20.28 -3.18 8.82
CA PHE A 198 19.10 -3.91 9.13
C PHE A 198 17.86 -3.02 9.16
N SER A 199 16.76 -3.60 8.74
CA SER A 199 15.50 -2.86 8.66
C SER A 199 14.34 -3.69 9.20
N TYR A 200 13.35 -2.97 9.79
CA TYR A 200 12.03 -3.56 10.04
C TYR A 200 11.28 -3.46 8.73
N ILE A 201 10.45 -4.45 8.44
CA ILE A 201 9.63 -4.55 7.26
C ILE A 201 8.19 -4.89 7.73
N THR A 202 7.22 -4.08 7.29
CA THR A 202 5.83 -4.18 7.84
C THR A 202 5.09 -5.32 7.20
N ASP A 203 4.08 -5.82 7.89
CA ASP A 203 3.26 -6.89 7.30
C ASP A 203 2.49 -6.36 6.08
N GLU A 204 2.22 -5.04 6.03
CA GLU A 204 1.43 -4.45 4.92
C GLU A 204 2.30 -4.44 3.68
N PHE A 205 3.59 -4.13 3.86
CA PHE A 205 4.49 -4.13 2.73
C PHE A 205 4.80 -5.54 2.17
N ILE A 206 4.94 -6.50 3.04
CA ILE A 206 5.15 -7.88 2.65
C ILE A 206 3.96 -8.42 1.84
N LYS A 207 2.75 -8.13 2.30
CA LYS A 207 1.54 -8.43 1.51
C LYS A 207 1.60 -7.81 0.13
N TYR A 208 1.93 -6.52 0.07
CA TYR A 208 1.99 -5.80 -1.19
C TYR A 208 2.94 -6.46 -2.19
N ILE A 209 4.20 -6.70 -1.76
CA ILE A 209 5.17 -7.27 -2.72
C ILE A 209 4.86 -8.76 -3.05
N LYS A 210 4.10 -9.45 -2.21
CA LYS A 210 3.60 -10.79 -2.57
C LYS A 210 2.28 -10.78 -3.43
N GLY A 211 1.69 -9.64 -3.77
CA GLY A 211 0.38 -9.68 -4.50
C GLY A 211 -0.85 -10.16 -3.69
N GLU A 212 -0.73 -10.16 -2.34
CA GLU A 212 -1.77 -10.64 -1.40
C GLU A 212 -2.87 -9.60 -1.06
N ASP A 213 -4.09 -9.90 -1.49
CA ASP A 213 -5.16 -8.93 -1.59
C ASP A 213 -6.12 -8.98 -0.42
N GLU A 214 -6.35 -10.19 0.12
CA GLU A 214 -7.40 -10.49 1.12
C GLU A 214 -7.98 -9.32 1.95
N VAL A 215 -9.29 -9.05 1.76
CA VAL A 215 -10.05 -8.15 2.66
C VAL A 215 -10.71 -9.04 3.74
N GLU A 216 -10.66 -8.51 4.95
CA GLU A 216 -11.04 -9.24 6.09
C GLU A 216 -12.55 -9.42 6.23
N ASN A 217 -13.29 -8.29 6.21
CA ASN A 217 -14.75 -8.30 6.43
C ASN A 217 -15.46 -7.44 5.36
N LEU A 218 -16.58 -7.92 4.85
CA LEU A 218 -17.45 -7.13 3.97
C LEU A 218 -18.91 -7.49 4.33
N VAL A 219 -19.79 -6.46 4.43
CA VAL A 219 -21.20 -6.64 4.66
C VAL A 219 -21.95 -6.31 3.38
N VAL A 220 -22.81 -7.27 2.94
CA VAL A 220 -23.63 -7.11 1.77
C VAL A 220 -25.09 -6.92 2.20
N TYR A 221 -25.82 -6.09 1.43
CA TYR A 221 -27.20 -5.82 1.62
C TYR A 221 -27.90 -5.61 0.29
N ASN A 222 -29.19 -5.76 0.30
CA ASN A 222 -30.00 -5.37 -0.86
C ASN A 222 -30.72 -4.00 -0.62
N ASP A 223 -31.08 -3.34 -1.69
CA ASP A 223 -31.76 -2.02 -1.65
C ASP A 223 -32.82 -2.08 -0.60
N GLY A 224 -32.88 -1.03 0.17
CA GLY A 224 -34.02 -0.85 1.14
C GLY A 224 -33.63 -0.93 2.57
N ALA A 225 -34.59 -1.35 3.39
CA ALA A 225 -34.46 -1.31 4.83
C ALA A 225 -33.29 -2.03 5.31
N ASP A 226 -32.96 -3.18 4.70
CA ASP A 226 -31.82 -3.93 5.18
C ASP A 226 -30.49 -3.23 5.11
N GLN A 227 -30.35 -2.25 4.22
CA GLN A 227 -29.15 -1.42 4.21
C GLN A 227 -28.92 -0.72 5.57
N ARG A 228 -30.00 -0.36 6.27
CA ARG A 228 -29.92 0.36 7.57
C ARG A 228 -29.19 -0.58 8.57
N ALA A 229 -29.68 -1.81 8.66
CA ALA A 229 -29.18 -2.84 9.49
C ALA A 229 -27.75 -3.17 9.12
N ALA A 230 -27.44 -3.17 7.84
CA ALA A 230 -26.08 -3.51 7.37
C ALA A 230 -25.03 -2.51 7.82
N GLU A 231 -25.37 -1.24 7.77
CA GLU A 231 -24.46 -0.22 8.22
C GLU A 231 -24.14 -0.34 9.69
N TYR A 232 -25.10 -0.70 10.55
CA TYR A 232 -24.80 -0.92 11.94
C TYR A 232 -23.77 -2.03 12.07
N LEU A 233 -24.00 -3.14 11.36
CA LEU A 233 -23.03 -4.26 11.45
C LEU A 233 -21.67 -3.78 10.98
N ALA A 234 -21.63 -3.00 9.92
CA ALA A 234 -20.36 -2.56 9.39
C ALA A 234 -19.62 -1.57 10.31
N ASP A 235 -20.39 -0.78 11.04
CA ASP A 235 -19.82 0.07 12.05
C ASP A 235 -19.15 -0.80 13.13
N ARG A 236 -19.81 -1.84 13.55
CA ARG A 236 -19.25 -2.71 14.56
C ARG A 236 -18.00 -3.44 14.08
N LEU A 237 -18.02 -3.88 12.82
CA LEU A 237 -16.93 -4.61 12.26
C LEU A 237 -15.89 -3.73 11.74
N ALA A 238 -16.16 -2.43 11.75
CA ALA A 238 -15.25 -1.46 11.14
C ALA A 238 -14.85 -1.81 9.70
N CYS A 239 -15.84 -2.10 8.86
CA CYS A 239 -15.56 -2.53 7.50
C CYS A 239 -16.48 -1.84 6.47
N PRO A 240 -16.27 -2.16 5.19
CA PRO A 240 -17.15 -1.63 4.11
C PRO A 240 -18.43 -2.38 4.00
N THR A 241 -19.38 -1.72 3.34
CA THR A 241 -20.61 -2.37 2.86
C THR A 241 -20.65 -2.41 1.33
N ILE A 242 -21.49 -3.30 0.78
CA ILE A 242 -21.57 -3.27 -0.67
C ILE A 242 -22.98 -3.66 -1.01
N ASN A 243 -23.56 -2.92 -1.93
CA ASN A 243 -24.92 -3.26 -2.43
C ASN A 243 -24.80 -4.58 -3.27
N ASN A 244 -25.62 -5.58 -2.98
CA ASN A 244 -25.62 -6.88 -3.66
C ASN A 244 -25.88 -6.73 -5.18
N ALA A 245 -26.52 -5.64 -5.66
CA ALA A 245 -26.74 -5.44 -7.11
C ALA A 245 -25.45 -5.19 -7.86
N ARG A 246 -24.40 -4.81 -7.14
CA ARG A 246 -23.13 -4.54 -7.74
C ARG A 246 -22.35 -5.80 -8.08
N LYS A 247 -22.01 -5.94 -9.34
CA LYS A 247 -21.24 -7.15 -9.78
C LYS A 247 -19.86 -7.07 -9.23
N PHE A 248 -19.53 -7.94 -8.32
CA PHE A 248 -18.29 -7.80 -7.57
C PHE A 248 -17.68 -9.20 -7.37
N ASP A 249 -16.37 -9.21 -7.26
CA ASP A 249 -15.65 -10.46 -7.07
C ASP A 249 -15.30 -10.65 -5.61
N TYR A 250 -15.98 -11.56 -4.96
CA TYR A 250 -15.87 -11.74 -3.51
C TYR A 250 -14.84 -12.83 -3.15
N SER A 251 -14.12 -13.34 -4.14
CA SER A 251 -13.21 -14.51 -3.94
C SER A 251 -12.09 -14.29 -2.93
N ASN A 252 -11.67 -13.04 -2.78
CA ASN A 252 -10.61 -12.64 -1.88
C ASN A 252 -11.12 -12.20 -0.48
N VAL A 253 -12.44 -12.20 -0.25
CA VAL A 253 -12.91 -11.76 1.08
C VAL A 253 -13.05 -12.95 2.01
N LYS A 254 -12.50 -12.78 3.19
CA LYS A 254 -12.42 -13.87 4.15
C LYS A 254 -13.72 -14.10 4.87
N ASN A 255 -14.33 -13.02 5.35
CA ASN A 255 -15.62 -13.11 5.98
C ASN A 255 -16.61 -12.21 5.19
N VAL A 256 -17.60 -12.85 4.59
CA VAL A 256 -18.62 -12.17 3.82
C VAL A 256 -19.91 -12.34 4.59
N TYR A 257 -20.42 -11.20 5.08
CA TYR A 257 -21.60 -11.14 5.83
C TYR A 257 -22.69 -10.58 4.96
N ALA A 258 -23.87 -11.09 5.12
CA ALA A 258 -25.02 -10.56 4.44
C ALA A 258 -26.09 -10.28 5.49
N VAL A 259 -26.85 -9.23 5.22
CA VAL A 259 -27.97 -8.85 6.10
C VAL A 259 -29.27 -8.73 5.35
N GLY A 260 -30.22 -9.53 5.76
CA GLY A 260 -31.50 -9.68 5.17
C GLY A 260 -31.47 -10.71 4.05
N GLY A 261 -32.64 -11.18 3.70
CA GLY A 261 -32.80 -11.95 2.48
C GLY A 261 -32.44 -13.43 2.66
N ASN A 262 -32.29 -14.10 1.54
CA ASN A 262 -31.99 -15.55 1.50
C ASN A 262 -30.58 -15.78 1.00
N LYS A 263 -29.99 -16.93 1.38
CA LYS A 263 -28.63 -17.28 0.93
C LYS A 263 -28.48 -17.24 -0.59
N GLU A 264 -29.50 -17.75 -1.27
CA GLU A 264 -29.52 -17.82 -2.74
C GLU A 264 -29.38 -16.47 -3.49
N GLN A 265 -29.61 -15.37 -2.80
CA GLN A 265 -29.41 -14.03 -3.35
C GLN A 265 -27.99 -13.57 -3.45
N TYR A 266 -27.09 -14.23 -2.74
CA TYR A 266 -25.77 -13.72 -2.52
C TYR A 266 -24.65 -14.59 -3.11
N THR A 267 -23.48 -13.99 -3.12
CA THR A 267 -22.30 -14.64 -3.62
C THR A 267 -22.12 -16.04 -2.98
N SER A 268 -21.53 -16.95 -3.75
CA SER A 268 -21.20 -18.32 -3.28
C SER A 268 -20.15 -18.26 -2.14
N TYR A 269 -19.47 -17.14 -2.00
CA TYR A 269 -18.51 -16.88 -0.89
C TYR A 269 -19.11 -16.42 0.46
N LEU A 270 -20.41 -16.34 0.52
CA LEU A 270 -21.08 -15.89 1.73
C LEU A 270 -20.80 -16.82 2.93
N THR A 271 -20.40 -16.28 4.08
CA THR A 271 -20.20 -17.17 5.23
C THR A 271 -21.02 -16.82 6.47
N THR A 272 -21.61 -15.62 6.55
CA THR A 272 -22.57 -15.33 7.63
C THR A 272 -23.83 -14.65 7.10
N LEU A 273 -24.98 -15.17 7.47
CA LEU A 273 -26.26 -14.56 7.07
C LEU A 273 -27.09 -14.23 8.32
N ILE A 274 -27.43 -12.92 8.47
CA ILE A 274 -28.30 -12.48 9.56
C ILE A 274 -29.52 -11.90 8.94
N ALA A 275 -30.67 -12.53 9.20
CA ALA A 275 -31.90 -12.20 8.55
C ALA A 275 -33.07 -12.65 9.33
N GLY A 276 -34.13 -11.81 9.39
CA GLY A 276 -35.39 -12.18 10.02
C GLY A 276 -36.46 -12.15 9.00
N SER A 277 -37.71 -12.45 9.42
CA SER A 277 -38.87 -12.41 8.53
C SER A 277 -39.41 -11.03 8.23
N THR A 278 -39.08 -10.05 9.06
CA THR A 278 -39.39 -8.65 8.75
C THR A 278 -38.14 -7.79 8.90
N ARG A 279 -38.24 -6.57 8.37
CA ARG A 279 -37.17 -5.60 8.44
C ARG A 279 -36.77 -5.36 9.90
N TYR A 280 -37.75 -5.41 10.80
CA TYR A 280 -37.57 -5.16 12.25
C TYR A 280 -36.84 -6.32 12.95
N THR A 281 -37.16 -7.57 12.60
CA THR A 281 -36.47 -8.69 13.23
C THR A 281 -35.11 -8.89 12.60
N THR A 282 -34.94 -8.48 11.38
CA THR A 282 -33.61 -8.48 10.79
C THR A 282 -32.76 -7.49 11.59
N MET A 283 -33.31 -6.30 11.81
CA MET A 283 -32.57 -5.32 12.65
C MET A 283 -32.29 -5.87 14.03
N GLN A 284 -33.25 -6.54 14.64
CA GLN A 284 -33.04 -7.09 16.01
C GLN A 284 -31.97 -8.17 15.96
N ALA A 285 -31.97 -8.97 14.89
CA ALA A 285 -30.91 -10.00 14.73
C ALA A 285 -29.52 -9.44 14.59
N VAL A 286 -29.42 -8.33 13.89
CA VAL A 286 -28.15 -7.63 13.74
C VAL A 286 -27.71 -7.08 15.09
N LEU A 287 -28.65 -6.48 15.84
CA LEU A 287 -28.22 -5.93 17.15
C LEU A 287 -27.78 -7.09 18.08
N ASP A 288 -28.54 -8.19 18.04
CA ASP A 288 -28.15 -9.40 18.83
C ASP A 288 -26.79 -9.96 18.44
N TYR A 289 -26.48 -10.02 17.14
CA TYR A 289 -25.16 -10.45 16.68
C TYR A 289 -24.08 -9.47 17.15
N ILE A 290 -24.35 -8.18 17.07
CA ILE A 290 -23.36 -7.21 17.53
C ILE A 290 -23.09 -7.39 19.04
N LYS A 291 -24.11 -7.60 19.83
CA LYS A 291 -23.94 -7.81 21.28
C LYS A 291 -23.08 -9.04 21.56
N ASN A 292 -23.41 -10.15 20.91
CA ASN A 292 -22.67 -11.42 21.10
C ASN A 292 -21.25 -11.46 20.64
N LEU A 293 -20.84 -10.50 19.83
CA LEU A 293 -19.47 -10.30 19.48
C LEU A 293 -18.70 -9.71 20.64
N LYS A 294 -17.47 -9.78 20.64
N MET B 1 -8.22 -5.24 -2.90
CA MET B 1 -9.50 -4.77 -3.46
C MET B 1 -9.17 -3.69 -4.45
N GLU B 2 -9.84 -3.69 -5.60
CA GLU B 2 -9.51 -2.76 -6.65
C GLU B 2 -9.98 -1.33 -6.35
N ASN B 3 -11.19 -1.20 -5.78
CA ASN B 3 -11.77 0.15 -5.57
C ASN B 3 -12.55 0.17 -4.28
N LEU B 4 -12.50 1.32 -3.61
CA LEU B 4 -13.29 1.59 -2.42
C LEU B 4 -13.62 3.09 -2.36
N VAL B 5 -14.85 3.40 -1.92
CA VAL B 5 -15.31 4.76 -1.77
C VAL B 5 -15.60 5.06 -0.31
N VAL B 6 -14.94 6.10 0.18
CA VAL B 6 -15.06 6.63 1.55
C VAL B 6 -15.89 7.93 1.54
N TYR B 7 -16.75 8.02 2.54
CA TYR B 7 -17.62 9.17 2.77
C TYR B 7 -17.63 9.48 4.28
N ASN B 8 -17.91 10.74 4.60
CA ASN B 8 -18.31 11.10 5.97
C ASN B 8 -19.84 11.07 6.11
N ASP B 9 -20.32 10.79 7.31
CA ASP B 9 -21.76 10.85 7.63
C ASP B 9 -22.41 12.02 6.93
N GLY B 10 -23.59 11.82 6.38
CA GLY B 10 -24.38 12.93 5.91
C GLY B 10 -24.60 12.86 4.39
N ALA B 11 -24.78 14.01 3.79
CA ALA B 11 -25.20 14.09 2.36
C ALA B 11 -24.20 13.43 1.44
N ASP B 12 -22.91 13.54 1.72
CA ASP B 12 -21.89 12.92 0.83
C ASP B 12 -21.99 11.37 0.65
N GLN B 13 -22.52 10.68 1.62
CA GLN B 13 -22.78 9.25 1.52
C GLN B 13 -23.64 8.97 0.24
N ARG B 14 -24.56 9.88 -0.07
CA ARG B 14 -25.47 9.72 -1.24
C ARG B 14 -24.65 9.68 -2.49
N ALA B 15 -23.75 10.65 -2.62
CA ALA B 15 -22.87 10.74 -3.74
C ALA B 15 -21.92 9.56 -3.79
N ALA B 16 -21.43 9.12 -2.63
CA ALA B 16 -20.43 8.04 -2.59
C ALA B 16 -21.11 6.77 -3.15
N GLU B 17 -22.38 6.53 -2.77
CA GLU B 17 -23.10 5.37 -3.26
C GLU B 17 -23.33 5.36 -4.79
N TYR B 18 -23.61 6.48 -5.46
CA TYR B 18 -23.63 6.53 -6.90
C TYR B 18 -22.27 6.19 -7.50
N LEU B 19 -21.19 6.75 -6.93
CA LEU B 19 -19.87 6.37 -7.44
C LEU B 19 -19.59 4.85 -7.29
N ALA B 20 -19.91 4.29 -6.14
CA ALA B 20 -19.72 2.85 -5.89
C ALA B 20 -20.60 1.96 -6.80
N ASP B 21 -21.78 2.48 -7.16
CA ASP B 21 -22.57 1.73 -8.11
C ASP B 21 -21.82 1.69 -9.45
N ARG B 22 -21.29 2.81 -9.88
CA ARG B 22 -20.66 2.85 -11.17
C ARG B 22 -19.34 2.03 -11.18
N LEU B 23 -18.55 2.15 -10.13
CA LEU B 23 -17.35 1.32 -9.95
C LEU B 23 -17.62 -0.11 -9.56
N ALA B 24 -18.88 -0.43 -9.20
CA ALA B 24 -19.28 -1.72 -8.69
C ALA B 24 -18.38 -2.13 -7.52
N CYS B 25 -18.34 -1.28 -6.49
CA CYS B 25 -17.44 -1.56 -5.41
C CYS B 25 -18.08 -1.28 -4.03
N PRO B 26 -17.34 -1.53 -2.95
CA PRO B 26 -17.93 -1.15 -1.66
C PRO B 26 -17.78 0.34 -1.31
N THR B 27 -18.49 0.75 -0.26
CA THR B 27 -18.26 2.08 0.38
C THR B 27 -17.89 1.82 1.79
N ILE B 28 -17.23 2.79 2.42
CA ILE B 28 -16.97 2.69 3.81
C ILE B 28 -17.11 4.09 4.44
N ASN B 29 -17.74 4.11 5.62
CA ASN B 29 -17.82 5.28 6.48
C ASN B 29 -16.41 5.60 7.02
N ASN B 30 -15.92 6.78 6.67
CA ASN B 30 -14.67 7.37 7.21
C ASN B 30 -14.46 7.27 8.72
N ALA B 31 -15.50 7.18 9.51
CA ALA B 31 -15.36 6.97 10.97
C ALA B 31 -14.87 5.58 11.35
N ARG B 32 -14.87 4.64 10.41
CA ARG B 32 -14.54 3.30 10.70
C ARG B 32 -13.03 3.13 10.60
N LYS B 33 -12.46 2.54 11.64
CA LYS B 33 -10.99 2.36 11.69
C LYS B 33 -10.61 1.14 10.82
N PHE B 34 -10.01 1.40 9.68
CA PHE B 34 -9.85 0.38 8.64
C PHE B 34 -8.47 0.47 8.04
N ASP B 35 -7.98 -0.68 7.60
CA ASP B 35 -6.70 -0.82 6.89
C ASP B 35 -6.87 -0.68 5.39
N TYR B 36 -6.47 0.47 4.89
CA TYR B 36 -6.56 0.80 3.48
C TYR B 36 -5.33 0.38 2.62
N SER B 37 -4.30 -0.25 3.22
CA SER B 37 -3.01 -0.49 2.53
C SER B 37 -3.09 -1.42 1.31
N ASN B 38 -4.09 -2.26 1.28
CA ASN B 38 -4.28 -3.25 0.21
C ASN B 38 -5.45 -2.84 -0.71
N VAL B 39 -5.68 -1.53 -0.87
CA VAL B 39 -6.70 -1.07 -1.81
C VAL B 39 -6.01 -0.36 -2.90
N LYS B 40 -6.32 -0.73 -4.13
CA LYS B 40 -5.62 -0.13 -5.26
C LYS B 40 -6.03 1.33 -5.48
N ASN B 41 -7.35 1.58 -5.51
CA ASN B 41 -7.91 2.92 -5.71
C ASN B 41 -8.87 3.26 -4.56
N VAL B 42 -8.47 4.24 -3.76
CA VAL B 42 -9.26 4.75 -2.65
C VAL B 42 -9.82 6.13 -3.05
N TYR B 43 -11.11 6.16 -3.32
CA TYR B 43 -11.80 7.37 -3.66
C TYR B 43 -12.42 7.90 -2.39
N ALA B 44 -12.35 9.21 -2.25
CA ALA B 44 -13.09 9.91 -1.19
C ALA B 44 -14.05 10.85 -1.85
N VAL B 45 -15.24 11.02 -1.22
CA VAL B 45 -16.26 11.87 -1.73
C VAL B 45 -16.65 12.94 -0.68
N GLY B 46 -16.47 14.21 -1.08
CA GLY B 46 -16.80 15.31 -0.22
C GLY B 46 -15.65 15.72 0.69
N GLY B 47 -15.64 16.99 1.08
CA GLY B 47 -14.77 17.47 2.16
C GLY B 47 -13.37 17.72 1.69
N ASN B 48 -12.39 17.50 2.56
CA ASN B 48 -11.00 17.83 2.19
C ASN B 48 -10.07 16.68 2.45
N LYS B 49 -8.97 16.66 1.71
CA LYS B 49 -8.07 15.52 1.74
C LYS B 49 -7.55 15.16 3.09
N GLU B 50 -7.39 16.12 3.99
CA GLU B 50 -6.84 15.85 5.32
C GLU B 50 -7.80 15.09 6.21
N GLN B 51 -9.07 14.99 5.82
CA GLN B 51 -9.99 14.24 6.67
C GLN B 51 -9.84 12.74 6.45
N TYR B 52 -9.09 12.34 5.41
CA TYR B 52 -9.08 10.96 4.92
C TYR B 52 -7.77 10.26 5.11
N THR B 53 -7.80 8.93 5.09
CA THR B 53 -6.60 8.10 5.03
C THR B 53 -5.49 8.64 4.11
N SER B 54 -4.21 8.47 4.54
CA SER B 54 -3.08 8.85 3.68
C SER B 54 -3.05 8.05 2.42
N TYR B 55 -3.71 6.89 2.43
CA TYR B 55 -3.85 6.01 1.23
C TYR B 55 -4.81 6.54 0.12
N LEU B 56 -5.37 7.74 0.30
CA LEU B 56 -6.31 8.32 -0.66
C LEU B 56 -5.71 8.44 -2.03
N THR B 57 -6.41 7.98 -3.08
CA THR B 57 -5.99 8.05 -4.46
C THR B 57 -6.62 9.25 -5.17
N THR B 58 -7.94 9.44 -4.95
CA THR B 58 -8.67 10.50 -5.65
C THR B 58 -9.75 11.08 -4.72
N LEU B 59 -9.83 12.40 -4.63
CA LEU B 59 -10.84 13.08 -3.84
C LEU B 59 -11.76 13.74 -4.82
N ILE B 60 -13.05 13.49 -4.71
CA ILE B 60 -14.05 14.16 -5.56
C ILE B 60 -14.95 14.96 -4.63
N ALA B 61 -14.93 16.24 -4.83
CA ALA B 61 -15.50 17.17 -3.82
C ALA B 61 -15.74 18.55 -4.42
N GLY B 62 -16.87 19.15 -4.06
CA GLY B 62 -17.15 20.54 -4.39
C GLY B 62 -17.39 21.31 -3.09
N SER B 63 -17.75 22.58 -3.27
CA SER B 63 -17.92 23.44 -2.09
C SER B 63 -19.30 23.34 -1.45
N THR B 64 -20.28 22.67 -2.10
CA THR B 64 -21.55 22.34 -1.40
C THR B 64 -21.93 20.87 -1.71
N ARG B 65 -22.93 20.36 -0.99
CA ARG B 65 -23.30 18.95 -1.16
C ARG B 65 -23.72 18.73 -2.60
N TYR B 66 -24.30 19.76 -3.22
CA TYR B 66 -24.80 19.72 -4.54
C TYR B 66 -23.70 19.69 -5.58
N THR B 67 -22.66 20.49 -5.39
CA THR B 67 -21.57 20.47 -6.38
C THR B 67 -20.71 19.20 -6.18
N THR B 68 -20.63 18.65 -4.97
CA THR B 68 -19.98 17.37 -4.75
C THR B 68 -20.69 16.32 -5.58
N MET B 69 -22.02 16.35 -5.54
CA MET B 69 -22.78 15.37 -6.32
C MET B 69 -22.55 15.56 -7.79
N GLN B 70 -22.53 16.81 -8.27
CA GLN B 70 -22.30 17.09 -9.68
C GLN B 70 -20.93 16.57 -10.12
N ALA B 71 -19.93 16.83 -9.32
CA ALA B 71 -18.59 16.36 -9.64
C ALA B 71 -18.54 14.82 -9.71
N VAL B 72 -19.24 14.12 -8.82
CA VAL B 72 -19.33 12.67 -8.91
C VAL B 72 -20.08 12.25 -10.19
N LEU B 73 -21.18 12.89 -10.57
CA LEU B 73 -21.79 12.49 -11.82
C LEU B 73 -20.91 12.78 -13.02
N ASP B 74 -20.18 13.89 -13.01
CA ASP B 74 -19.27 14.22 -14.10
C ASP B 74 -18.11 13.17 -14.18
N TYR B 75 -17.63 12.71 -13.03
CA TYR B 75 -16.55 11.69 -13.01
C TYR B 75 -17.11 10.42 -13.66
N ILE B 76 -18.31 10.02 -13.22
CA ILE B 76 -19.00 8.86 -13.77
C ILE B 76 -19.15 9.02 -15.30
N LYS B 77 -19.69 10.13 -15.78
CA LYS B 77 -19.84 10.36 -17.22
C LYS B 77 -18.51 10.15 -17.99
N ASN B 78 -17.42 10.73 -17.52
CA ASN B 78 -16.15 10.72 -18.26
C ASN B 78 -15.40 9.43 -18.09
N LEU B 79 -16.00 8.46 -17.41
CA LEU B 79 -15.35 7.17 -17.14
C LEU B 79 -15.66 6.15 -18.27
N LYS B 80 -16.79 6.04 -18.75
S SO4 C . 23.00 2.48 2.26
O1 SO4 C . 23.91 2.55 1.02
O2 SO4 C . 22.36 3.83 2.31
O3 SO4 C . 23.78 2.34 3.59
O4 SO4 C . 21.84 1.43 2.11
C1 GOL D . 5.35 -3.90 -11.86
O1 GOL D . 4.60 -3.02 -12.67
C2 GOL D . 4.36 -4.94 -11.40
O2 GOL D . 3.79 -5.52 -12.60
C3 GOL D . 5.05 -5.97 -10.52
O3 GOL D . 5.99 -6.64 -11.33
C1 GOL E . 9.61 -1.98 16.36
O1 GOL E . 8.80 -3.05 15.86
C2 GOL E . 10.42 -2.40 17.60
O2 GOL E . 11.58 -1.57 17.79
C3 GOL E . 9.61 -2.33 18.91
O3 GOL E . 9.27 -3.66 19.36
OH2 1PE F . 19.40 -24.03 18.10
C12 1PE F . 19.33 -23.78 16.68
C22 1PE F . 20.10 -22.53 16.13
OH3 1PE F . 20.16 -22.70 14.68
C13 1PE F . 19.51 -22.24 12.37
C23 1PE F . 19.99 -21.62 13.73
OH4 1PE F . 20.48 -23.18 11.88
C14 1PE F . 21.71 -24.59 10.34
C24 1PE F . 20.38 -23.86 10.62
OH5 1PE F . 22.81 -23.72 9.93
C15 1PE F . 25.13 -23.33 9.64
C25 1PE F . 24.03 -24.37 9.80
OH6 1PE F . 24.92 -22.48 8.50
C16 1PE F . 25.59 -20.72 7.17
C26 1PE F . 26.01 -21.54 8.37
OH7 1PE F . 25.80 -21.48 5.94
C1 GOL G . -7.88 8.91 10.54
O1 GOL G . -7.90 9.01 11.97
C2 GOL G . -9.28 8.68 9.90
O2 GOL G . -9.13 8.72 8.45
C3 GOL G . -9.94 7.36 10.40
O3 GOL G . -10.87 7.45 11.52
#